data_8J77
#
_entry.id   8J77
#
_cell.length_a   1.00
_cell.length_b   1.00
_cell.length_c   1.00
_cell.angle_alpha   90.00
_cell.angle_beta   90.00
_cell.angle_gamma   90.00
#
_symmetry.space_group_name_H-M   'P 1'
#
loop_
_entity.id
_entity.type
_entity.pdbx_description
1 polymer 'High affinity choline transporter 1'
2 branched beta-D-mannopyranose-(1-4)-2-acetamido-2-deoxy-beta-D-glucopyranose-(1-4)-2-acetamido-2-deoxy-beta-D-glucopyranose
3 non-polymer 'CHOLINE ION'
#
_entity_poly.entity_id   1
_entity_poly.type   'polypeptide(L)'
_entity_poly.pdbx_seq_one_letter_code
;MAFHVEGLIAIIVFYLLILLVGIWAAWRTKNSGSAEERSEAIIVGGRDIGLLVGGFTMTATWVGGGYINGTAEAVYVPGY
GLAWAQAPIGYSLSLILGGLFFAKPMRSKGYVTMLDPFQQIYGKRMGGLLFIPALMGEMFWAAAIFSALGATISVIIDVD
MHISVIISALIATLYTLVGGLYSVAYTDVVQLFCIFVGLWISVPFALSHPAVADIGFTAVHAKYQKPWLGTVDSSEVYSW
LDSFLLLMLGGIPWQAYFQRVLSSSSATYAQVLSFLAAFGCLVMAIPAILIGAIGASTDWNQTAYGLPDPKTTEEADMIL
PIVLQYLCPVYISFFGLGAVSAAVMSSADSSILSASSMFARNIYQLSFRQNASDKEIVWVMRITVFVFGASATAMALLTK
TVYGLWYLSSDLVYIVIFPQLLCVLFVKGTNTYGAVAGYVSGLFLRITGGEPYLYLQPLIFYPGYYPDDNGIYNQKFPFK
TLAMVTSFLTNICISYLAKYLFESGTLPPKLDVFDAVVARHSEENMDKTILVKNENIKLDELALVKPRQSMTLSSTFTNK
EAFLDVDSSPEGSGTEDNLQ
;
_entity_poly.pdbx_strand_id   A
#
loop_
_chem_comp.id
_chem_comp.type
_chem_comp.name
_chem_comp.formula
BMA D-saccharide, beta linking beta-D-mannopyranose 'C6 H12 O6'
CHT non-polymer 'CHOLINE ION' 'C5 H14 N O 1'
NAG D-saccharide, beta linking 2-acetamido-2-deoxy-beta-D-glucopyranose 'C8 H15 N O6'
#
# COMPACT_ATOMS: atom_id res chain seq x y z
N PHE A 3 -6.77 28.71 -14.65
CA PHE A 3 -6.71 27.39 -14.02
C PHE A 3 -5.28 26.84 -14.06
N HIS A 4 -4.76 26.66 -15.28
CA HIS A 4 -3.45 26.05 -15.46
C HIS A 4 -2.36 26.85 -14.75
N VAL A 5 -2.35 28.18 -14.97
CA VAL A 5 -1.24 28.99 -14.49
C VAL A 5 -1.20 29.03 -12.97
N GLU A 6 -2.35 29.25 -12.32
CA GLU A 6 -2.38 29.33 -10.86
C GLU A 6 -2.01 27.99 -10.24
N GLY A 7 -2.52 26.90 -10.80
CA GLY A 7 -2.18 25.59 -10.27
C GLY A 7 -0.71 25.28 -10.39
N LEU A 8 -0.11 25.56 -11.56
CA LEU A 8 1.31 25.31 -11.70
C LEU A 8 2.12 26.21 -10.77
N ILE A 9 1.70 27.46 -10.59
CA ILE A 9 2.38 28.34 -9.65
C ILE A 9 2.36 27.74 -8.25
N ALA A 10 1.19 27.29 -7.81
CA ALA A 10 1.06 26.74 -6.47
C ALA A 10 1.93 25.51 -6.28
N ILE A 11 1.83 24.54 -7.19
CA ILE A 11 2.58 23.30 -7.04
C ILE A 11 4.08 23.57 -7.08
N ILE A 12 4.54 24.41 -8.03
CA ILE A 12 5.96 24.69 -8.14
C ILE A 12 6.47 25.38 -6.88
N VAL A 13 5.75 26.40 -6.41
CA VAL A 13 6.20 27.14 -5.23
C VAL A 13 6.30 26.22 -4.03
N PHE A 14 5.27 25.40 -3.80
CA PHE A 14 5.23 24.64 -2.56
C PHE A 14 6.24 23.50 -2.60
N TYR A 15 6.41 22.86 -3.76
CA TYR A 15 7.41 21.81 -3.86
C TYR A 15 8.82 22.35 -3.72
N LEU A 16 9.09 23.52 -4.32
CA LEU A 16 10.39 24.14 -4.14
C LEU A 16 10.65 24.45 -2.67
N LEU A 17 9.63 24.98 -1.98
CA LEU A 17 9.80 25.29 -0.57
C LEU A 17 10.10 24.04 0.26
N ILE A 18 9.36 22.95 0.00
CA ILE A 18 9.58 21.76 0.82
C ILE A 18 10.94 21.14 0.53
N LEU A 19 11.39 21.16 -0.73
CA LEU A 19 12.73 20.66 -1.02
C LEU A 19 13.80 21.50 -0.34
N LEU A 20 13.66 22.83 -0.38
CA LEU A 20 14.61 23.68 0.32
C LEU A 20 14.64 23.39 1.81
N VAL A 21 13.46 23.21 2.41
CA VAL A 21 13.41 22.91 3.85
C VAL A 21 14.09 21.59 4.14
N GLY A 22 13.87 20.57 3.31
CA GLY A 22 14.48 19.28 3.55
C GLY A 22 15.99 19.31 3.44
N ILE A 23 16.52 19.95 2.39
CA ILE A 23 17.96 20.00 2.23
C ILE A 23 18.58 20.93 3.26
N TRP A 24 17.83 21.91 3.76
CA TRP A 24 18.32 22.75 4.86
C TRP A 24 18.41 21.95 6.15
N ALA A 25 17.37 21.16 6.47
CA ALA A 25 17.40 20.35 7.68
C ALA A 25 18.54 19.34 7.63
N ALA A 26 18.75 18.72 6.47
CA ALA A 26 19.92 17.86 6.31
C ALA A 26 21.22 18.66 6.33
N TRP A 27 21.17 19.95 6.00
CA TRP A 27 22.38 20.75 5.90
C TRP A 27 23.01 20.98 7.27
N ARG A 28 22.19 21.21 8.30
CA ARG A 28 22.70 21.35 9.66
C ARG A 28 21.64 20.93 10.67
N ARG A 47 16.87 14.12 21.60
CA ARG A 47 16.92 14.14 23.05
C ARG A 47 15.63 13.61 23.65
N ASP A 48 14.93 14.48 24.38
CA ASP A 48 13.63 14.15 24.94
C ASP A 48 12.54 14.03 23.88
N ILE A 49 12.90 14.12 22.60
CA ILE A 49 11.96 14.18 21.49
C ILE A 49 12.22 13.09 20.46
N GLY A 50 13.36 12.38 20.57
CA GLY A 50 13.84 11.58 19.45
C GLY A 50 12.85 10.54 18.97
N LEU A 51 12.11 9.92 19.89
CA LEU A 51 11.12 8.94 19.49
C LEU A 51 10.05 9.57 18.62
N LEU A 52 9.63 10.79 18.93
CA LEU A 52 8.52 11.41 18.22
C LEU A 52 8.85 11.66 16.76
N VAL A 53 10.08 12.09 16.46
CA VAL A 53 10.47 12.28 15.06
C VAL A 53 10.50 10.94 14.34
N GLY A 54 11.00 9.90 15.01
CA GLY A 54 10.97 8.56 14.42
C GLY A 54 9.56 8.06 14.20
N GLY A 55 8.67 8.28 15.18
CA GLY A 55 7.28 7.92 14.99
C GLY A 55 6.67 8.64 13.80
N PHE A 56 6.95 9.94 13.67
CA PHE A 56 6.42 10.70 12.56
C PHE A 56 6.94 10.18 11.23
N THR A 57 8.23 9.86 11.14
CA THR A 57 8.74 9.39 9.84
C THR A 57 8.21 7.99 9.51
N MET A 58 8.07 7.12 10.51
CA MET A 58 7.55 5.79 10.23
C MET A 58 6.09 5.83 9.83
N THR A 59 5.30 6.71 10.45
CA THR A 59 3.94 6.87 9.96
C THR A 59 3.87 7.69 8.69
N ALA A 60 4.97 8.38 8.33
CA ALA A 60 5.04 9.04 7.03
C ALA A 60 5.30 8.04 5.93
N THR A 61 5.94 6.91 6.24
CA THR A 61 6.09 5.87 5.25
C THR A 61 4.74 5.28 4.83
N TRP A 62 3.81 4.97 5.65
CA TRP A 62 2.53 4.48 5.28
C TRP A 62 1.71 5.54 4.69
N VAL A 63 1.53 6.69 5.26
CA VAL A 63 0.64 7.70 4.71
C VAL A 63 1.26 8.28 3.46
N GLY A 64 0.44 8.92 2.62
CA GLY A 64 0.91 9.48 1.37
C GLY A 64 0.32 8.75 0.18
N GLY A 65 -0.69 9.35 -0.43
CA GLY A 65 -1.32 8.73 -1.59
C GLY A 65 -2.23 7.58 -1.26
N GLY A 66 -1.74 6.63 -0.45
CA GLY A 66 -2.53 5.49 -0.08
C GLY A 66 -3.77 5.83 0.72
N TYR A 67 -3.59 6.28 1.97
CA TYR A 67 -4.74 6.56 2.83
C TYR A 67 -5.67 7.60 2.25
N ILE A 68 -5.19 8.84 2.14
CA ILE A 68 -6.08 9.99 1.97
C ILE A 68 -6.99 9.80 0.76
N ASN A 69 -6.43 9.72 -0.44
CA ASN A 69 -7.25 9.50 -1.63
C ASN A 69 -7.93 8.15 -1.59
N GLY A 70 -7.20 7.11 -1.18
CA GLY A 70 -7.76 5.77 -1.18
C GLY A 70 -8.93 5.63 -0.21
N THR A 71 -8.76 6.09 1.02
CA THR A 71 -9.86 5.94 1.98
C THR A 71 -10.98 6.91 1.69
N ALA A 72 -10.69 8.07 1.08
CA ALA A 72 -11.77 8.94 0.64
C ALA A 72 -12.62 8.22 -0.41
N GLU A 73 -11.97 7.55 -1.37
CA GLU A 73 -12.72 6.78 -2.36
C GLU A 73 -13.50 5.65 -1.71
N ALA A 74 -12.89 4.96 -0.74
CA ALA A 74 -13.56 3.84 -0.10
C ALA A 74 -14.80 4.29 0.65
N VAL A 75 -14.71 5.42 1.35
CA VAL A 75 -15.87 5.91 2.09
C VAL A 75 -16.94 6.42 1.13
N TYR A 76 -16.54 7.14 0.08
CA TYR A 76 -17.51 7.82 -0.76
C TYR A 76 -18.38 6.85 -1.55
N VAL A 77 -17.78 5.80 -2.10
CA VAL A 77 -18.49 4.96 -3.08
C VAL A 77 -19.74 4.38 -2.44
N PRO A 78 -20.91 4.52 -3.06
CA PRO A 78 -22.12 3.87 -2.53
C PRO A 78 -22.04 2.37 -2.73
N GLY A 79 -22.09 1.63 -1.63
CA GLY A 79 -21.90 0.19 -1.66
C GLY A 79 -20.77 -0.24 -0.76
N TYR A 80 -19.70 0.54 -0.72
CA TYR A 80 -18.63 0.29 0.24
C TYR A 80 -18.97 0.86 1.60
N GLY A 81 -19.10 2.18 1.69
CA GLY A 81 -19.35 2.83 2.97
C GLY A 81 -18.13 2.75 3.87
N LEU A 82 -18.28 3.30 5.07
CA LEU A 82 -17.19 3.24 6.04
C LEU A 82 -16.93 1.81 6.48
N ALA A 83 -17.99 1.02 6.64
CA ALA A 83 -17.84 -0.34 7.16
C ALA A 83 -16.97 -1.20 6.25
N TRP A 84 -16.84 -0.85 4.97
CA TRP A 84 -15.97 -1.57 4.06
C TRP A 84 -14.70 -0.80 3.74
N ALA A 85 -14.46 0.34 4.39
CA ALA A 85 -13.18 1.04 4.29
C ALA A 85 -12.18 0.27 5.14
N GLN A 86 -11.71 -0.85 4.57
CA GLN A 86 -10.96 -1.84 5.34
C GLN A 86 -9.53 -1.42 5.60
N ALA A 87 -8.97 -0.55 4.79
CA ALA A 87 -7.53 -0.32 4.80
C ALA A 87 -7.03 0.49 6.01
N PRO A 88 -7.52 1.71 6.26
CA PRO A 88 -6.90 2.51 7.34
C PRO A 88 -6.92 1.85 8.70
N ILE A 89 -7.99 1.12 9.03
CA ILE A 89 -8.03 0.40 10.30
C ILE A 89 -7.21 -0.88 10.19
N GLY A 90 -7.09 -1.43 8.98
CA GLY A 90 -6.31 -2.64 8.81
C GLY A 90 -4.82 -2.44 9.08
N TYR A 91 -4.26 -1.33 8.59
CA TYR A 91 -2.81 -1.18 8.61
C TYR A 91 -2.28 -0.68 9.94
N SER A 92 -3.05 0.11 10.69
CA SER A 92 -2.64 0.43 12.05
C SER A 92 -2.55 -0.85 12.89
N LEU A 93 -3.55 -1.72 12.77
CA LEU A 93 -3.47 -3.00 13.44
C LEU A 93 -2.33 -3.84 12.88
N SER A 94 -2.00 -3.66 11.60
CA SER A 94 -0.84 -4.35 11.05
C SER A 94 0.44 -3.93 11.75
N LEU A 95 0.63 -2.62 11.94
CA LEU A 95 1.80 -2.15 12.67
C LEU A 95 1.81 -2.66 14.10
N ILE A 96 0.66 -2.60 14.78
CA ILE A 96 0.60 -3.06 16.17
C ILE A 96 0.99 -4.52 16.26
N LEU A 97 0.40 -5.35 15.40
CA LEU A 97 0.69 -6.79 15.44
C LEU A 97 2.15 -7.05 15.10
N GLY A 98 2.66 -6.39 14.05
CA GLY A 98 4.05 -6.61 13.67
C GLY A 98 5.01 -6.24 14.78
N GLY A 99 4.85 -5.06 15.36
CA GLY A 99 5.69 -4.70 16.48
C GLY A 99 5.60 -5.70 17.61
N LEU A 100 4.39 -5.95 18.09
CA LEU A 100 4.21 -6.71 19.33
C LEU A 100 4.65 -8.16 19.17
N PHE A 101 4.51 -8.73 17.98
CA PHE A 101 4.85 -10.14 17.78
C PHE A 101 6.25 -10.35 17.21
N PHE A 102 6.59 -9.65 16.11
CA PHE A 102 7.85 -9.88 15.43
C PHE A 102 8.98 -8.97 15.91
N ALA A 103 8.71 -8.00 16.79
CA ALA A 103 9.79 -7.14 17.28
C ALA A 103 10.77 -7.92 18.14
N LYS A 104 10.27 -8.87 18.95
CA LYS A 104 11.17 -9.62 19.83
C LYS A 104 12.01 -10.64 19.07
N PRO A 105 11.43 -11.60 18.28
CA PRO A 105 12.24 -12.62 17.61
C PRO A 105 12.87 -12.12 16.32
N MET A 106 13.45 -10.92 16.39
CA MET A 106 14.15 -10.33 15.26
C MET A 106 15.48 -9.73 15.65
N ARG A 107 15.80 -9.67 16.94
CA ARG A 107 17.05 -9.10 17.44
C ARG A 107 18.10 -10.16 17.74
N SER A 108 17.74 -11.17 18.54
CA SER A 108 18.73 -12.09 19.07
C SER A 108 19.45 -12.86 17.96
N LYS A 109 18.70 -13.31 16.95
CA LYS A 109 19.32 -14.07 15.87
C LYS A 109 20.22 -13.20 15.01
N GLY A 110 19.78 -11.98 14.70
CA GLY A 110 20.60 -11.07 13.92
C GLY A 110 20.19 -11.02 12.46
N TYR A 111 19.52 -9.95 12.05
CA TYR A 111 18.96 -9.87 10.70
C TYR A 111 19.30 -8.51 10.12
N VAL A 112 20.01 -8.51 8.99
CA VAL A 112 20.32 -7.27 8.29
C VAL A 112 19.05 -6.65 7.70
N THR A 113 18.21 -7.46 7.08
CA THR A 113 16.96 -7.00 6.49
C THR A 113 15.98 -8.16 6.51
N MET A 114 14.80 -7.98 5.92
CA MET A 114 13.84 -9.07 5.83
C MET A 114 14.15 -10.00 4.67
N LEU A 115 15.02 -9.57 3.76
CA LEU A 115 15.42 -10.44 2.66
C LEU A 115 16.47 -11.45 3.11
N ASP A 116 17.22 -11.12 4.17
CA ASP A 116 18.26 -12.01 4.67
C ASP A 116 17.75 -13.35 5.19
N PRO A 117 16.70 -13.41 6.02
CA PRO A 117 16.29 -14.74 6.55
C PRO A 117 15.93 -15.74 5.47
N PHE A 118 15.28 -15.28 4.39
CA PHE A 118 14.91 -16.20 3.32
C PHE A 118 16.14 -16.75 2.63
N GLN A 119 17.14 -15.89 2.39
CA GLN A 119 18.38 -16.34 1.75
C GLN A 119 19.24 -17.14 2.72
N GLN A 120 19.00 -16.99 4.01
CA GLN A 120 19.82 -17.68 5.00
C GLN A 120 19.47 -19.16 5.07
N ILE A 121 18.18 -19.49 4.93
CA ILE A 121 17.72 -20.86 5.17
C ILE A 121 17.40 -21.57 3.86
N TYR A 122 16.64 -20.90 2.97
CA TYR A 122 16.21 -21.56 1.71
C TYR A 122 17.34 -21.51 0.70
N GLY A 123 18.49 -22.12 1.02
CA GLY A 123 19.67 -22.05 0.13
C GLY A 123 19.67 -20.54 0.07
N LYS A 124 19.89 -19.96 -1.12
CA LYS A 124 19.97 -18.49 -1.28
C LYS A 124 19.13 -18.03 -2.48
N ARG A 125 19.04 -18.85 -3.52
CA ARG A 125 18.36 -18.43 -4.75
C ARG A 125 16.85 -18.26 -4.55
N MET A 126 16.27 -19.00 -3.61
CA MET A 126 14.82 -18.96 -3.46
C MET A 126 14.34 -17.59 -3.00
N GLY A 127 15.25 -16.77 -2.48
CA GLY A 127 14.87 -15.43 -2.07
C GLY A 127 14.32 -14.59 -3.21
N GLY A 128 14.88 -14.75 -4.41
CA GLY A 128 14.35 -14.03 -5.56
C GLY A 128 12.96 -14.50 -5.93
N LEU A 129 12.72 -15.81 -5.86
CA LEU A 129 11.38 -16.33 -6.11
C LEU A 129 10.39 -15.79 -5.10
N LEU A 130 10.80 -15.69 -3.83
CA LEU A 130 9.93 -15.15 -2.79
C LEU A 130 9.77 -13.64 -2.88
N PHE A 131 10.69 -12.93 -3.51
CA PHE A 131 10.58 -11.48 -3.57
C PHE A 131 10.22 -10.95 -4.94
N ILE A 132 9.85 -11.81 -5.87
CA ILE A 132 9.11 -11.33 -7.04
C ILE A 132 7.68 -10.94 -6.67
N PRO A 133 6.99 -11.63 -5.73
CA PRO A 133 5.65 -11.13 -5.39
C PRO A 133 5.66 -9.93 -4.48
N ALA A 134 6.64 -9.81 -3.58
CA ALA A 134 6.76 -8.57 -2.82
C ALA A 134 7.08 -7.41 -3.75
N LEU A 135 7.89 -7.66 -4.77
CA LEU A 135 8.13 -6.63 -5.79
C LEU A 135 6.83 -6.28 -6.51
N MET A 136 6.01 -7.29 -6.84
CA MET A 136 4.73 -6.99 -7.47
C MET A 136 3.83 -6.17 -6.55
N GLY A 137 3.82 -6.48 -5.26
CA GLY A 137 3.05 -5.69 -4.32
C GLY A 137 3.52 -4.26 -4.25
N GLU A 138 4.84 -4.06 -4.26
CA GLU A 138 5.35 -2.69 -4.22
C GLU A 138 5.08 -1.96 -5.53
N MET A 139 5.02 -2.71 -6.64
CA MET A 139 4.58 -2.15 -7.90
C MET A 139 3.14 -1.66 -7.82
N PHE A 140 2.27 -2.47 -7.21
CA PHE A 140 0.88 -2.05 -7.01
C PHE A 140 0.79 -0.81 -6.14
N TRP A 141 1.56 -0.77 -5.06
CA TRP A 141 1.55 0.40 -4.18
C TRP A 141 2.04 1.64 -4.91
N ALA A 142 3.11 1.51 -5.70
CA ALA A 142 3.60 2.63 -6.49
C ALA A 142 2.54 3.09 -7.49
N ALA A 143 1.81 2.14 -8.10
CA ALA A 143 0.75 2.51 -9.02
C ALA A 143 -0.35 3.28 -8.29
N ALA A 144 -0.69 2.87 -7.08
CA ALA A 144 -1.70 3.60 -6.31
C ALA A 144 -1.24 5.03 -6.02
N ILE A 145 0.03 5.18 -5.62
CA ILE A 145 0.56 6.52 -5.34
C ILE A 145 0.53 7.37 -6.61
N PHE A 146 0.94 6.78 -7.74
CA PHE A 146 0.95 7.51 -8.99
C PHE A 146 -0.44 7.93 -9.40
N SER A 147 -1.43 7.05 -9.21
CA SER A 147 -2.81 7.41 -9.53
C SER A 147 -3.31 8.53 -8.64
N ALA A 148 -2.98 8.50 -7.35
CA ALA A 148 -3.39 9.57 -6.46
C ALA A 148 -2.77 10.90 -6.88
N LEU A 149 -1.47 10.88 -7.19
CA LEU A 149 -0.79 12.10 -7.64
C LEU A 149 -1.37 12.62 -8.94
N GLY A 150 -1.67 11.71 -9.88
CA GLY A 150 -2.29 12.14 -11.12
C GLY A 150 -3.66 12.76 -10.90
N ALA A 151 -4.45 12.19 -9.99
CA ALA A 151 -5.75 12.75 -9.69
C ALA A 151 -5.61 14.16 -9.13
N THR A 152 -4.73 14.34 -8.15
CA THR A 152 -4.59 15.65 -7.53
C THR A 152 -4.08 16.69 -8.51
N ILE A 153 -3.08 16.31 -9.33
CA ILE A 153 -2.55 17.24 -10.32
C ILE A 153 -3.61 17.58 -11.37
N SER A 154 -4.37 16.58 -11.81
CA SER A 154 -5.41 16.84 -12.81
C SER A 154 -6.47 17.78 -12.27
N VAL A 155 -6.82 17.64 -11.00
CA VAL A 155 -7.83 18.53 -10.43
C VAL A 155 -7.27 19.94 -10.26
N ILE A 156 -6.03 20.06 -9.78
CA ILE A 156 -5.48 21.39 -9.49
C ILE A 156 -5.19 22.23 -10.73
N ILE A 157 -4.66 21.63 -11.81
CA ILE A 157 -4.33 22.40 -13.01
C ILE A 157 -5.33 22.22 -14.13
N ASP A 158 -6.23 21.23 -14.03
CA ASP A 158 -7.32 21.05 -14.98
C ASP A 158 -6.80 20.87 -16.41
N VAL A 159 -6.08 19.77 -16.62
CA VAL A 159 -5.60 19.45 -17.95
C VAL A 159 -6.23 18.15 -18.47
N ASP A 160 -6.02 17.04 -17.76
CA ASP A 160 -6.63 15.76 -18.13
C ASP A 160 -6.21 14.71 -17.12
N MET A 161 -6.81 13.52 -17.21
CA MET A 161 -6.42 12.40 -16.37
C MET A 161 -5.19 11.67 -16.87
N HIS A 162 -5.27 11.08 -18.08
CA HIS A 162 -4.24 10.14 -18.49
C HIS A 162 -2.90 10.84 -18.72
N ILE A 163 -2.92 12.07 -19.22
CA ILE A 163 -1.67 12.81 -19.42
C ILE A 163 -1.05 13.18 -18.09
N SER A 164 -1.89 13.58 -17.13
CA SER A 164 -1.38 14.04 -15.84
C SER A 164 -0.62 12.95 -15.11
N VAL A 165 -1.16 11.72 -15.12
CA VAL A 165 -0.50 10.64 -14.38
C VAL A 165 0.82 10.27 -15.05
N ILE A 166 0.86 10.29 -16.39
CA ILE A 166 2.11 10.00 -17.09
C ILE A 166 3.15 11.06 -16.77
N ILE A 167 2.75 12.34 -16.80
CA ILE A 167 3.69 13.42 -16.52
C ILE A 167 4.19 13.33 -15.08
N SER A 168 3.28 13.06 -14.13
CA SER A 168 3.67 12.95 -12.73
C SER A 168 4.64 11.80 -12.51
N ALA A 169 4.36 10.65 -13.13
CA ALA A 169 5.28 9.52 -13.00
C ALA A 169 6.62 9.82 -13.63
N LEU A 170 6.63 10.51 -14.78
CA LEU A 170 7.89 10.88 -15.41
C LEU A 170 8.71 11.79 -14.51
N ILE A 171 8.06 12.77 -13.88
CA ILE A 171 8.75 13.66 -12.96
C ILE A 171 9.28 12.88 -11.77
N ALA A 172 8.47 11.97 -11.22
CA ALA A 172 8.91 11.20 -10.06
C ALA A 172 10.12 10.34 -10.38
N THR A 173 10.13 9.69 -11.55
CA THR A 173 11.26 8.85 -11.89
C THR A 173 12.50 9.67 -12.21
N LEU A 174 12.36 10.79 -12.92
CA LEU A 174 13.52 11.64 -13.16
C LEU A 174 14.07 12.20 -11.85
N TYR A 175 13.19 12.48 -10.89
CA TYR A 175 13.63 12.97 -9.59
C TYR A 175 14.30 11.85 -8.80
N THR A 176 13.87 10.61 -9.00
CA THR A 176 14.56 9.47 -8.39
C THR A 176 15.96 9.32 -8.97
N LEU A 177 16.09 9.50 -10.28
CA LEU A 177 17.37 9.28 -10.94
C LEU A 177 18.45 10.21 -10.39
N VAL A 178 18.12 11.49 -10.20
CA VAL A 178 19.10 12.46 -9.74
C VAL A 178 18.85 12.95 -8.32
N GLY A 179 17.87 12.40 -7.62
CA GLY A 179 17.61 12.82 -6.26
C GLY A 179 18.58 12.28 -5.24
N GLY A 180 19.44 11.34 -5.62
CA GLY A 180 20.41 10.79 -4.70
C GLY A 180 21.81 11.36 -4.91
N LEU A 181 21.98 12.12 -5.97
CA LEU A 181 23.28 12.70 -6.28
C LEU A 181 23.38 14.13 -5.77
N TYR A 186 14.86 16.65 8.60
CA TYR A 186 14.56 15.44 7.84
C TYR A 186 13.29 15.67 7.01
N THR A 187 13.31 15.22 5.76
CA THR A 187 12.24 15.56 4.83
C THR A 187 10.90 14.98 5.26
N ASP A 188 10.89 13.72 5.73
CA ASP A 188 9.62 13.06 6.00
C ASP A 188 8.86 13.73 7.13
N VAL A 189 9.56 14.44 8.02
CA VAL A 189 8.87 15.19 9.06
C VAL A 189 8.06 16.32 8.47
N VAL A 190 8.67 17.11 7.58
CA VAL A 190 7.95 18.23 6.96
C VAL A 190 6.85 17.72 6.06
N GLN A 191 7.05 16.53 5.48
CA GLN A 191 6.04 15.95 4.59
C GLN A 191 4.72 15.72 5.32
N LEU A 192 4.76 15.18 6.54
CA LEU A 192 3.52 14.92 7.26
C LEU A 192 2.90 16.19 7.79
N PHE A 193 3.71 17.17 8.17
CA PHE A 193 3.12 18.45 8.57
C PHE A 193 2.38 19.08 7.40
N CYS A 194 2.89 18.86 6.18
CA CYS A 194 2.19 19.35 4.99
C CYS A 194 0.81 18.71 4.85
N ILE A 195 0.71 17.39 5.07
CA ILE A 195 -0.59 16.74 4.98
C ILE A 195 -1.50 17.18 6.12
N PHE A 196 -0.97 17.21 7.34
CA PHE A 196 -1.78 17.53 8.51
C PHE A 196 -2.34 18.94 8.42
N VAL A 197 -1.52 19.89 7.95
CA VAL A 197 -2.05 21.24 7.73
C VAL A 197 -2.99 21.26 6.53
N GLY A 198 -2.63 20.57 5.44
CA GLY A 198 -3.36 20.72 4.20
C GLY A 198 -4.80 20.24 4.29
N LEU A 199 -5.04 19.16 5.01
CA LEU A 199 -6.39 18.64 5.18
C LEU A 199 -7.11 19.31 6.34
N TRP A 200 -6.49 19.34 7.52
CA TRP A 200 -7.18 19.86 8.70
C TRP A 200 -7.41 21.36 8.66
N ILE A 201 -6.77 22.10 7.76
CA ILE A 201 -7.11 23.51 7.59
C ILE A 201 -8.17 23.70 6.52
N SER A 202 -8.43 22.68 5.70
CA SER A 202 -9.39 22.81 4.62
C SER A 202 -10.75 22.21 4.95
N VAL A 203 -10.88 21.45 6.03
CA VAL A 203 -12.21 21.00 6.45
C VAL A 203 -12.55 21.32 7.91
N PRO A 204 -12.21 22.52 8.45
CA PRO A 204 -13.02 23.04 9.55
C PRO A 204 -14.14 23.91 8.99
N PHE A 205 -13.86 24.52 7.83
CA PHE A 205 -14.87 25.24 7.05
C PHE A 205 -14.75 24.73 5.62
N ALA A 206 -15.36 23.60 5.37
CA ALA A 206 -15.72 23.07 4.07
C ALA A 206 -17.16 22.60 4.06
N LEU A 207 -17.62 22.02 5.16
CA LEU A 207 -19.01 21.63 5.33
C LEU A 207 -19.84 22.83 5.75
N SER A 208 -19.78 23.90 4.95
CA SER A 208 -20.53 25.11 5.24
C SER A 208 -21.26 25.69 4.04
N HIS A 209 -21.12 25.10 2.85
CA HIS A 209 -21.93 25.54 1.73
C HIS A 209 -23.39 25.18 1.96
N PRO A 210 -24.31 25.87 1.29
CA PRO A 210 -25.71 25.41 1.28
C PRO A 210 -25.87 24.01 0.74
N ALA A 211 -24.83 23.45 0.12
CA ALA A 211 -24.89 22.11 -0.47
C ALA A 211 -24.63 21.01 0.55
N VAL A 212 -23.54 21.12 1.32
CA VAL A 212 -23.15 20.02 2.19
C VAL A 212 -24.18 19.88 3.31
N ALA A 213 -24.76 18.70 3.41
CA ALA A 213 -25.74 18.42 4.46
C ALA A 213 -25.02 18.07 5.77
N ASP A 214 -25.81 17.84 6.80
CA ASP A 214 -25.26 17.46 8.10
C ASP A 214 -24.47 16.16 7.98
N ILE A 215 -23.22 16.18 8.43
CA ILE A 215 -22.39 14.99 8.36
C ILE A 215 -22.94 13.91 9.29
N GLY A 216 -23.65 14.32 10.34
CA GLY A 216 -24.24 13.34 11.24
C GLY A 216 -25.46 12.65 10.66
N PHE A 217 -26.25 13.39 9.88
CA PHE A 217 -27.51 12.84 9.39
C PHE A 217 -27.30 11.83 8.27
N THR A 218 -26.40 12.13 7.32
CA THR A 218 -26.26 11.26 6.16
C THR A 218 -25.52 9.98 6.51
N ALA A 219 -25.18 9.79 7.79
CA ALA A 219 -24.56 8.54 8.19
C ALA A 219 -25.58 7.41 8.32
N VAL A 220 -26.83 7.74 8.66
CA VAL A 220 -27.79 6.72 9.02
C VAL A 220 -29.11 6.81 8.26
N HIS A 221 -29.36 7.90 7.53
CA HIS A 221 -30.68 8.03 6.94
C HIS A 221 -30.71 8.38 5.46
N ALA A 222 -29.58 8.72 4.84
CA ALA A 222 -29.48 9.00 3.37
C ALA A 222 -30.11 10.11 2.49
N LYS A 223 -29.71 11.38 2.69
CA LYS A 223 -30.20 12.49 1.85
C LYS A 223 -29.94 12.55 0.37
N TYR A 224 -28.68 12.71 -0.01
CA TYR A 224 -28.34 12.72 -1.42
C TYR A 224 -28.18 11.29 -1.88
N GLN A 225 -27.50 10.47 -1.08
CA GLN A 225 -27.25 9.10 -1.49
C GLN A 225 -27.21 8.08 -0.37
N LYS A 226 -27.09 6.80 -0.72
CA LYS A 226 -27.02 5.70 0.22
C LYS A 226 -25.99 6.03 1.30
N PRO A 227 -26.25 5.69 2.57
CA PRO A 227 -25.46 6.24 3.66
C PRO A 227 -23.97 5.91 3.53
N TRP A 228 -23.13 6.89 3.88
CA TRP A 228 -21.70 6.68 3.83
C TRP A 228 -21.21 5.74 4.92
N LEU A 229 -22.01 5.51 5.95
CA LEU A 229 -21.73 4.46 6.92
C LEU A 229 -22.35 3.18 6.40
N GLY A 230 -21.61 2.53 5.48
CA GLY A 230 -22.12 1.38 4.77
C GLY A 230 -22.51 0.24 5.68
N THR A 231 -23.27 -0.72 5.15
CA THR A 231 -23.80 -1.81 5.94
C THR A 231 -23.26 -3.13 5.39
N VAL A 232 -22.96 -4.06 6.28
CA VAL A 232 -22.55 -5.40 5.93
C VAL A 232 -23.66 -6.36 6.33
N ASP A 233 -24.10 -7.18 5.39
CA ASP A 233 -25.21 -8.10 5.60
C ASP A 233 -24.70 -9.41 6.18
N SER A 234 -25.58 -10.12 6.88
CA SER A 234 -25.18 -11.38 7.51
C SER A 234 -24.65 -12.38 6.50
N SER A 235 -25.08 -12.29 5.24
CA SER A 235 -24.60 -13.23 4.23
C SER A 235 -23.11 -13.06 3.97
N GLU A 236 -22.62 -11.81 3.96
CA GLU A 236 -21.25 -11.52 3.56
C GLU A 236 -20.38 -11.06 4.72
N VAL A 237 -20.63 -11.56 5.92
CA VAL A 237 -19.72 -11.28 7.04
C VAL A 237 -18.42 -12.04 6.88
N TYR A 238 -18.46 -13.22 6.27
CA TYR A 238 -17.23 -13.99 6.03
C TYR A 238 -16.29 -13.24 5.09
N SER A 239 -16.86 -12.59 4.07
CA SER A 239 -16.04 -11.76 3.18
C SER A 239 -15.37 -10.62 3.96
N TRP A 240 -16.10 -9.99 4.88
CA TRP A 240 -15.50 -8.95 5.72
C TRP A 240 -14.34 -9.50 6.53
N LEU A 241 -14.57 -10.63 7.22
CA LEU A 241 -13.51 -11.19 8.05
C LEU A 241 -12.30 -11.55 7.21
N ASP A 242 -12.51 -12.14 6.03
CA ASP A 242 -11.39 -12.50 5.18
C ASP A 242 -10.64 -11.28 4.67
N SER A 243 -11.36 -10.30 4.13
CA SER A 243 -10.73 -9.12 3.56
C SER A 243 -10.17 -8.18 4.62
N PHE A 244 -10.42 -8.45 5.90
CA PHE A 244 -9.82 -7.66 6.96
C PHE A 244 -8.64 -8.37 7.62
N LEU A 245 -8.73 -9.67 7.83
CA LEU A 245 -7.57 -10.46 8.19
C LEU A 245 -6.52 -10.48 7.09
N LEU A 246 -6.92 -10.18 5.86
CA LEU A 246 -5.94 -10.01 4.80
C LEU A 246 -5.08 -8.77 5.01
N LEU A 247 -5.72 -7.62 5.25
CA LEU A 247 -4.97 -6.39 5.45
C LEU A 247 -4.12 -6.46 6.72
N MET A 248 -4.71 -6.96 7.81
CA MET A 248 -3.98 -7.01 9.08
C MET A 248 -2.67 -7.77 8.93
N LEU A 249 -2.72 -8.97 8.35
CA LEU A 249 -1.54 -9.83 8.30
C LEU A 249 -0.79 -9.72 6.98
N GLY A 250 -1.21 -8.83 6.08
CA GLY A 250 -0.42 -8.57 4.90
C GLY A 250 0.29 -7.25 4.90
N GLY A 251 -0.07 -6.35 5.82
CA GLY A 251 0.71 -5.14 5.91
C GLY A 251 2.02 -5.28 6.66
N ILE A 252 2.24 -6.39 7.36
CA ILE A 252 3.42 -6.58 8.20
C ILE A 252 4.67 -6.88 7.39
N PRO A 253 4.67 -7.85 6.44
CA PRO A 253 5.94 -8.28 5.85
C PRO A 253 6.53 -7.31 4.84
N TRP A 254 6.09 -6.06 4.85
CA TRP A 254 6.60 -5.08 3.90
C TRP A 254 8.07 -4.75 4.19
N GLN A 255 8.77 -4.31 3.14
CA GLN A 255 10.21 -4.11 3.25
C GLN A 255 10.55 -2.88 4.07
N ALA A 256 9.81 -1.79 3.87
CA ALA A 256 10.14 -0.54 4.57
C ALA A 256 10.04 -0.69 6.07
N TYR A 257 9.00 -1.38 6.54
CA TYR A 257 8.80 -1.54 7.98
C TYR A 257 9.94 -2.32 8.61
N PHE A 258 10.30 -3.47 8.03
CA PHE A 258 11.39 -4.26 8.58
C PHE A 258 12.76 -3.64 8.34
N GLN A 259 12.88 -2.72 7.39
CA GLN A 259 14.13 -1.97 7.25
C GLN A 259 14.25 -0.90 8.33
N ARG A 260 13.14 -0.31 8.75
CA ARG A 260 13.17 0.66 9.84
C ARG A 260 13.28 0.03 11.21
N VAL A 261 12.70 -1.16 11.40
CA VAL A 261 12.73 -1.80 12.72
C VAL A 261 14.14 -2.24 13.08
N LEU A 262 14.83 -2.91 12.14
CA LEU A 262 16.13 -3.49 12.44
C LEU A 262 17.20 -2.44 12.75
N SER A 263 17.07 -1.24 12.21
CA SER A 263 18.06 -0.21 12.50
C SER A 263 17.83 0.44 13.87
N SER A 264 16.68 0.21 14.49
CA SER A 264 16.42 0.75 15.82
C SER A 264 17.39 0.13 16.82
N SER A 265 17.94 0.96 17.70
CA SER A 265 19.03 0.51 18.55
C SER A 265 18.53 -0.35 19.70
N SER A 266 17.68 0.21 20.56
CA SER A 266 17.24 -0.52 21.75
C SER A 266 16.16 -1.54 21.40
N ALA A 267 16.04 -2.56 22.24
CA ALA A 267 15.09 -3.64 21.98
C ALA A 267 13.65 -3.14 22.02
N THR A 268 13.27 -2.46 23.11
CA THR A 268 11.92 -1.92 23.22
C THR A 268 11.67 -0.76 22.27
N TYR A 269 12.72 -0.22 21.66
CA TYR A 269 12.56 0.90 20.74
C TYR A 269 11.69 0.52 19.56
N ALA A 270 11.86 -0.70 19.04
CA ALA A 270 11.04 -1.13 17.91
C ALA A 270 9.57 -1.18 18.28
N GLN A 271 9.24 -1.74 19.45
CA GLN A 271 7.85 -1.80 19.89
C GLN A 271 7.26 -0.41 20.04
N VAL A 272 7.99 0.49 20.70
CA VAL A 272 7.47 1.83 20.92
C VAL A 272 7.28 2.56 19.60
N LEU A 273 8.23 2.40 18.68
CA LEU A 273 8.14 3.04 17.38
C LEU A 273 6.93 2.54 16.60
N SER A 274 6.70 1.22 16.61
CA SER A 274 5.55 0.67 15.91
C SER A 274 4.25 1.17 16.51
N PHE A 275 4.15 1.21 17.85
CA PHE A 275 2.92 1.65 18.48
C PHE A 275 2.63 3.11 18.17
N LEU A 276 3.65 3.97 18.25
CA LEU A 276 3.43 5.38 17.95
C LEU A 276 3.11 5.59 16.47
N ALA A 277 3.71 4.81 15.58
CA ALA A 277 3.35 4.91 14.17
C ALA A 277 1.90 4.52 13.94
N ALA A 278 1.44 3.45 14.60
CA ALA A 278 0.04 3.06 14.46
C ALA A 278 -0.90 4.14 14.96
N PHE A 279 -0.59 4.72 16.13
CA PHE A 279 -1.43 5.80 16.63
C PHE A 279 -1.43 6.99 15.69
N GLY A 280 -0.26 7.33 15.14
CA GLY A 280 -0.18 8.45 14.22
C GLY A 280 -1.00 8.22 12.96
N CYS A 281 -0.96 7.01 12.41
CA CYS A 281 -1.71 6.76 11.19
C CYS A 281 -3.22 6.69 11.47
N LEU A 282 -3.62 6.21 12.65
CA LEU A 282 -5.03 6.29 13.01
C LEU A 282 -5.49 7.74 13.11
N VAL A 283 -4.68 8.60 13.74
CA VAL A 283 -5.07 10.01 13.83
C VAL A 283 -5.09 10.66 12.46
N MET A 284 -4.16 10.26 11.58
CA MET A 284 -4.07 10.82 10.25
C MET A 284 -5.20 10.33 9.33
N ALA A 285 -5.81 9.20 9.64
CA ALA A 285 -6.92 8.73 8.81
C ALA A 285 -8.21 9.51 9.09
N ILE A 286 -8.28 10.20 10.24
CA ILE A 286 -9.50 10.94 10.59
C ILE A 286 -9.80 12.07 9.60
N PRO A 287 -8.86 12.93 9.23
CA PRO A 287 -9.21 14.02 8.29
C PRO A 287 -9.62 13.53 6.92
N ALA A 288 -9.31 12.29 6.55
CA ALA A 288 -9.69 11.79 5.24
C ALA A 288 -11.04 11.09 5.23
N ILE A 289 -11.43 10.45 6.35
CA ILE A 289 -12.76 9.85 6.43
C ILE A 289 -13.84 10.93 6.36
N LEU A 290 -13.66 12.02 7.11
CA LEU A 290 -14.62 13.11 7.05
C LEU A 290 -14.70 13.73 5.67
N ILE A 291 -13.59 13.73 4.93
CA ILE A 291 -13.62 14.23 3.56
C ILE A 291 -14.52 13.37 2.69
N GLY A 292 -14.40 12.05 2.81
CA GLY A 292 -15.30 11.17 2.09
C GLY A 292 -16.74 11.33 2.52
N ALA A 293 -16.97 11.52 3.82
CA ALA A 293 -18.32 11.73 4.31
C ALA A 293 -18.94 13.00 3.74
N ILE A 294 -18.16 14.08 3.70
CA ILE A 294 -18.64 15.31 3.08
C ILE A 294 -18.97 15.05 1.62
N GLY A 295 -18.05 14.42 0.89
CA GLY A 295 -18.30 14.14 -0.51
C GLY A 295 -19.57 13.35 -0.74
N ALA A 296 -19.84 12.39 0.14
CA ALA A 296 -21.06 11.59 0.03
C ALA A 296 -22.28 12.31 0.58
N SER A 297 -22.11 13.45 1.23
CA SER A 297 -23.22 14.20 1.79
C SER A 297 -23.54 15.49 1.06
N THR A 298 -22.85 15.78 -0.04
CA THR A 298 -23.08 17.04 -0.75
C THR A 298 -24.35 16.97 -1.59
N ASP A 299 -24.57 18.04 -2.35
CA ASP A 299 -25.60 18.12 -3.38
C ASP A 299 -24.87 18.60 -4.64
N TRP A 300 -24.40 17.67 -5.46
CA TRP A 300 -23.59 18.05 -6.62
C TRP A 300 -24.47 18.61 -7.72
N ASN A 301 -25.28 19.62 -7.39
CA ASN A 301 -26.07 20.37 -8.35
C ASN A 301 -26.07 21.86 -8.08
N GLN A 302 -25.81 22.30 -6.84
CA GLN A 302 -25.68 23.70 -6.50
C GLN A 302 -24.25 24.18 -6.47
N THR A 303 -23.29 23.26 -6.44
CA THR A 303 -21.88 23.62 -6.56
C THR A 303 -21.55 23.87 -8.02
N ALA A 304 -20.27 23.96 -8.35
CA ALA A 304 -19.83 24.22 -9.73
C ALA A 304 -19.41 22.95 -10.45
N TYR A 305 -19.90 21.79 -10.01
CA TYR A 305 -19.54 20.52 -10.63
C TYR A 305 -20.63 20.00 -11.57
N GLY A 306 -21.58 20.84 -11.94
CA GLY A 306 -22.57 20.46 -12.92
C GLY A 306 -23.53 19.39 -12.42
N LEU A 307 -24.43 19.00 -13.32
CA LEU A 307 -25.44 18.02 -12.97
C LEU A 307 -24.88 16.65 -12.58
N PRO A 308 -23.98 16.02 -13.35
CA PRO A 308 -23.54 14.67 -13.01
C PRO A 308 -22.82 14.62 -11.67
N ASP A 309 -23.09 13.57 -10.92
CA ASP A 309 -22.39 13.28 -9.67
C ASP A 309 -21.07 12.58 -9.97
N PRO A 310 -20.12 12.60 -9.03
CA PRO A 310 -18.94 11.75 -9.21
C PRO A 310 -19.21 10.33 -8.74
N LYS A 311 -20.38 9.79 -9.04
CA LYS A 311 -20.64 8.37 -8.88
C LYS A 311 -21.18 7.74 -10.15
N THR A 312 -22.10 8.39 -10.84
CA THR A 312 -22.49 7.97 -12.20
C THR A 312 -21.67 8.72 -13.23
N THR A 313 -20.37 8.77 -12.94
CA THR A 313 -19.32 9.30 -13.81
C THR A 313 -18.03 8.78 -13.21
N GLU A 314 -17.30 7.93 -13.94
CA GLU A 314 -16.28 7.10 -13.32
C GLU A 314 -15.17 8.09 -12.98
N GLU A 315 -15.33 8.80 -11.89
CA GLU A 315 -14.30 9.65 -11.30
C GLU A 315 -14.31 9.57 -9.78
N ALA A 316 -14.64 8.41 -9.23
CA ALA A 316 -14.72 8.26 -7.78
C ALA A 316 -13.35 8.33 -7.10
N ASP A 317 -12.26 8.24 -7.87
CA ASP A 317 -10.93 8.38 -7.29
C ASP A 317 -10.62 9.81 -6.89
N MET A 318 -11.21 10.78 -7.57
CA MET A 318 -10.95 12.19 -7.35
C MET A 318 -11.84 12.80 -6.27
N ILE A 319 -12.46 11.97 -5.43
CA ILE A 319 -13.42 12.50 -4.46
C ILE A 319 -12.74 13.48 -3.51
N LEU A 320 -11.58 13.13 -2.98
CA LEU A 320 -10.85 14.04 -2.10
C LEU A 320 -10.38 15.31 -2.81
N PRO A 321 -9.71 15.24 -3.97
CA PRO A 321 -9.37 16.48 -4.66
C PRO A 321 -10.58 17.30 -5.05
N ILE A 322 -11.67 16.65 -5.45
CA ILE A 322 -12.86 17.40 -5.86
C ILE A 322 -13.47 18.14 -4.68
N VAL A 323 -13.59 17.48 -3.53
CA VAL A 323 -14.18 18.16 -2.37
C VAL A 323 -13.24 19.27 -1.89
N LEU A 324 -11.93 19.05 -1.98
CA LEU A 324 -10.99 20.08 -1.56
C LEU A 324 -11.06 21.30 -2.48
N GLN A 325 -11.24 21.07 -3.78
CA GLN A 325 -11.21 22.18 -4.72
C GLN A 325 -12.54 22.93 -4.75
N TYR A 326 -13.65 22.20 -4.91
CA TYR A 326 -14.92 22.86 -5.17
C TYR A 326 -15.58 23.35 -3.88
N LEU A 327 -15.37 22.64 -2.77
CA LEU A 327 -16.03 23.01 -1.54
C LEU A 327 -15.17 23.86 -0.62
N CYS A 328 -14.14 24.50 -1.14
CA CYS A 328 -13.33 25.45 -0.39
C CYS A 328 -13.12 26.71 -1.21
N PRO A 329 -12.91 27.85 -0.55
CA PRO A 329 -12.64 29.08 -1.29
C PRO A 329 -11.31 29.01 -2.03
N VAL A 330 -11.02 30.09 -2.76
CA VAL A 330 -9.88 30.08 -3.68
C VAL A 330 -8.57 29.95 -2.91
N TYR A 331 -8.38 30.79 -1.89
CA TYR A 331 -7.09 30.82 -1.20
C TYR A 331 -6.92 29.62 -0.27
N ILE A 332 -7.99 29.18 0.39
CA ILE A 332 -7.88 28.04 1.29
C ILE A 332 -7.59 26.77 0.50
N SER A 333 -8.14 26.64 -0.70
CA SER A 333 -8.05 25.39 -1.45
C SER A 333 -6.61 25.05 -1.80
N PHE A 334 -5.96 25.92 -2.59
CA PHE A 334 -4.73 25.50 -3.26
C PHE A 334 -3.56 25.33 -2.30
N PHE A 335 -3.54 26.04 -1.18
CA PHE A 335 -2.55 25.76 -0.14
C PHE A 335 -2.60 24.29 0.26
N GLY A 336 -3.74 23.84 0.79
CA GLY A 336 -3.86 22.47 1.24
C GLY A 336 -3.68 21.46 0.13
N LEU A 337 -4.26 21.74 -1.04
CA LEU A 337 -4.21 20.77 -2.13
C LEU A 337 -2.78 20.62 -2.66
N GLY A 338 -2.07 21.73 -2.82
CA GLY A 338 -0.67 21.65 -3.20
C GLY A 338 0.18 20.96 -2.14
N ALA A 339 -0.15 21.17 -0.87
CA ALA A 339 0.57 20.47 0.18
C ALA A 339 0.37 18.96 0.07
N VAL A 340 -0.87 18.53 -0.16
CA VAL A 340 -1.16 17.11 -0.30
C VAL A 340 -0.42 16.54 -1.50
N SER A 341 -0.44 17.25 -2.63
CA SER A 341 0.24 16.77 -3.83
C SER A 341 1.74 16.69 -3.60
N ALA A 342 2.32 17.69 -2.95
CA ALA A 342 3.76 17.65 -2.66
C ALA A 342 4.11 16.47 -1.78
N ALA A 343 3.31 16.21 -0.74
CA ALA A 343 3.60 15.09 0.15
C ALA A 343 3.54 13.76 -0.58
N VAL A 344 2.50 13.57 -1.40
CA VAL A 344 2.38 12.28 -2.08
C VAL A 344 3.48 12.11 -3.12
N MET A 345 3.85 13.19 -3.83
CA MET A 345 4.92 13.09 -4.81
C MET A 345 6.25 12.84 -4.13
N SER A 346 6.43 13.36 -2.91
CA SER A 346 7.60 13.01 -2.11
C SER A 346 7.63 11.54 -1.74
N SER A 347 6.51 10.96 -1.33
CA SER A 347 6.47 9.53 -1.02
C SER A 347 6.72 8.64 -2.24
N ALA A 348 6.37 9.13 -3.43
CA ALA A 348 6.59 8.35 -4.64
C ALA A 348 8.07 7.98 -4.82
N ASP A 349 8.97 8.93 -4.52
CA ASP A 349 10.39 8.67 -4.66
C ASP A 349 10.85 7.55 -3.74
N SER A 350 10.43 7.57 -2.48
CA SER A 350 10.81 6.51 -1.56
C SER A 350 10.30 5.16 -2.06
N SER A 351 9.04 5.12 -2.50
CA SER A 351 8.49 3.87 -3.02
C SER A 351 9.33 3.31 -4.16
N ILE A 352 9.60 4.15 -5.17
CA ILE A 352 10.31 3.68 -6.35
C ILE A 352 11.73 3.27 -6.00
N LEU A 353 12.41 4.09 -5.18
CA LEU A 353 13.80 3.80 -4.83
C LEU A 353 13.92 2.49 -4.08
N SER A 354 13.03 2.25 -3.10
CA SER A 354 13.08 0.96 -2.43
C SER A 354 12.80 -0.19 -3.38
N ALA A 355 11.74 -0.10 -4.20
CA ALA A 355 11.38 -1.18 -5.11
C ALA A 355 12.47 -1.47 -6.14
N SER A 356 13.28 -0.48 -6.50
CA SER A 356 14.38 -0.74 -7.42
C SER A 356 15.63 -1.24 -6.73
N SER A 357 16.04 -0.60 -5.64
CA SER A 357 17.29 -0.97 -4.98
C SER A 357 17.22 -2.38 -4.41
N MET A 358 16.09 -2.74 -3.78
CA MET A 358 16.01 -4.07 -3.20
C MET A 358 16.12 -5.15 -4.28
N PHE A 359 15.40 -4.96 -5.39
CA PHE A 359 15.50 -5.91 -6.50
C PHE A 359 16.92 -6.00 -7.02
N ALA A 360 17.50 -4.84 -7.35
CA ALA A 360 18.86 -4.83 -7.90
C ALA A 360 19.81 -5.58 -7.00
N ARG A 361 19.99 -5.09 -5.76
CA ARG A 361 20.92 -5.72 -4.84
C ARG A 361 20.64 -7.22 -4.69
N ASN A 362 19.46 -7.57 -4.21
CA ASN A 362 19.19 -8.97 -3.88
C ASN A 362 19.37 -9.88 -5.08
N ILE A 363 18.68 -9.59 -6.19
CA ILE A 363 18.61 -10.59 -7.25
C ILE A 363 19.85 -10.56 -8.14
N TYR A 364 20.53 -9.42 -8.29
CA TYR A 364 21.75 -9.46 -9.10
C TYR A 364 22.98 -9.74 -8.25
N GLN A 365 22.84 -9.86 -6.94
CA GLN A 365 23.84 -10.60 -6.19
C GLN A 365 23.46 -12.06 -6.03
N LEU A 366 22.22 -12.42 -6.35
CA LEU A 366 21.72 -13.78 -6.34
C LEU A 366 22.10 -14.57 -7.59
N SER A 367 21.74 -14.08 -8.77
CA SER A 367 21.70 -14.94 -9.96
C SER A 367 22.99 -15.62 -10.40
N PHE A 368 24.03 -14.83 -10.73
CA PHE A 368 25.40 -15.32 -10.74
C PHE A 368 26.33 -14.40 -9.97
N ARG A 369 26.52 -13.17 -10.45
CA ARG A 369 27.33 -12.13 -9.85
C ARG A 369 27.30 -10.96 -10.83
N GLN A 370 27.63 -9.77 -10.34
CA GLN A 370 27.87 -8.63 -11.23
C GLN A 370 28.84 -7.67 -10.56
N ASN A 371 29.73 -7.07 -11.36
CA ASN A 371 30.73 -6.15 -10.84
C ASN A 371 30.06 -4.95 -10.20
N ALA A 372 30.10 -4.87 -8.87
CA ALA A 372 29.35 -3.86 -8.12
C ALA A 372 30.12 -2.54 -7.98
N SER A 373 31.31 -2.44 -8.54
CA SER A 373 32.10 -1.22 -8.39
C SER A 373 31.52 -0.08 -9.22
N ASP A 374 31.46 -0.27 -10.54
CA ASP A 374 31.06 0.82 -11.43
C ASP A 374 30.01 0.44 -12.48
N LYS A 375 29.62 -0.83 -12.57
CA LYS A 375 28.66 -1.25 -13.58
C LYS A 375 27.34 -1.72 -12.97
N GLU A 376 27.39 -2.72 -12.09
CA GLU A 376 26.18 -3.37 -11.61
C GLU A 376 25.23 -2.36 -10.98
N ILE A 377 25.66 -1.71 -9.90
CA ILE A 377 24.75 -0.80 -9.20
C ILE A 377 24.22 0.26 -10.16
N VAL A 378 25.12 0.90 -10.91
CA VAL A 378 24.72 2.03 -11.73
C VAL A 378 23.67 1.62 -12.75
N TRP A 379 24.04 0.72 -13.67
CA TRP A 379 23.15 0.44 -14.79
C TRP A 379 21.98 -0.44 -14.40
N VAL A 380 22.14 -1.38 -13.47
CA VAL A 380 21.00 -2.20 -13.09
C VAL A 380 19.98 -1.36 -12.31
N MET A 381 20.43 -0.50 -11.39
CA MET A 381 19.50 0.38 -10.72
C MET A 381 18.82 1.34 -11.70
N ARG A 382 19.59 1.86 -12.67
CA ARG A 382 19.02 2.77 -13.66
C ARG A 382 17.94 2.08 -14.49
N ILE A 383 18.26 0.92 -15.05
CA ILE A 383 17.29 0.21 -15.88
C ILE A 383 16.10 -0.22 -15.04
N THR A 384 16.34 -0.59 -13.78
CA THR A 384 15.24 -1.00 -12.92
C THR A 384 14.29 0.15 -12.63
N VAL A 385 14.82 1.34 -12.34
CA VAL A 385 13.95 2.48 -12.03
C VAL A 385 13.18 2.90 -13.27
N PHE A 386 13.84 2.89 -14.44
CA PHE A 386 13.14 3.18 -15.69
C PHE A 386 11.98 2.21 -15.91
N VAL A 387 12.26 0.91 -15.84
CA VAL A 387 11.24 -0.10 -16.13
C VAL A 387 10.12 -0.05 -15.10
N PHE A 388 10.45 0.22 -13.83
CA PHE A 388 9.42 0.22 -12.81
C PHE A 388 8.54 1.46 -12.92
N GLY A 389 9.12 2.61 -13.26
CA GLY A 389 8.29 3.77 -13.57
C GLY A 389 7.34 3.48 -14.72
N ALA A 390 7.86 2.87 -15.80
CA ALA A 390 7.01 2.55 -16.93
C ALA A 390 5.91 1.56 -16.54
N SER A 391 6.25 0.54 -15.75
CA SER A 391 5.28 -0.48 -15.40
C SER A 391 4.20 0.07 -14.46
N ALA A 392 4.60 0.87 -13.47
CA ALA A 392 3.61 1.46 -12.57
C ALA A 392 2.71 2.43 -13.34
N THR A 393 3.28 3.20 -14.27
CA THR A 393 2.45 4.09 -15.08
C THR A 393 1.44 3.31 -15.90
N ALA A 394 1.89 2.22 -16.53
CA ALA A 394 0.97 1.42 -17.34
C ALA A 394 -0.06 0.71 -16.47
N MET A 395 0.29 0.39 -15.23
CA MET A 395 -0.62 -0.33 -14.35
C MET A 395 -1.69 0.59 -13.78
N ALA A 396 -1.33 1.83 -13.46
CA ALA A 396 -2.29 2.80 -12.92
C ALA A 396 -2.97 3.62 -14.00
N LEU A 397 -2.55 3.51 -15.26
CA LEU A 397 -3.13 4.31 -16.32
C LEU A 397 -4.48 3.75 -16.77
N LEU A 398 -4.75 2.48 -16.51
CA LEU A 398 -5.94 1.83 -17.04
C LEU A 398 -6.97 1.46 -15.96
N THR A 399 -6.52 1.05 -14.78
CA THR A 399 -7.46 0.69 -13.71
C THR A 399 -7.99 1.97 -13.06
N LYS A 400 -9.29 2.22 -13.21
CA LYS A 400 -9.87 3.45 -12.68
C LYS A 400 -10.28 3.28 -11.22
N THR A 401 -9.33 2.84 -10.39
CA THR A 401 -9.49 2.86 -8.95
C THR A 401 -8.16 3.26 -8.33
N VAL A 402 -8.24 3.82 -7.12
CA VAL A 402 -7.04 4.11 -6.34
C VAL A 402 -6.99 3.27 -5.07
N TYR A 403 -8.10 2.71 -4.63
CA TYR A 403 -8.10 1.80 -3.48
C TYR A 403 -7.84 0.37 -3.92
N GLY A 404 -8.24 0.01 -5.14
CA GLY A 404 -8.12 -1.37 -5.59
C GLY A 404 -6.69 -1.82 -5.75
N LEU A 405 -5.84 -0.99 -6.37
CA LEU A 405 -4.45 -1.38 -6.56
C LEU A 405 -3.74 -1.57 -5.23
N TRP A 406 -3.99 -0.67 -4.28
CA TRP A 406 -3.43 -0.75 -2.93
C TRP A 406 -3.89 -2.03 -2.22
N TYR A 407 -5.18 -2.34 -2.33
CA TYR A 407 -5.71 -3.55 -1.71
C TYR A 407 -5.08 -4.80 -2.33
N LEU A 408 -4.92 -4.82 -3.65
CA LEU A 408 -4.29 -5.99 -4.29
C LEU A 408 -2.82 -6.12 -3.92
N SER A 409 -2.12 -5.00 -3.75
CA SER A 409 -0.77 -5.03 -3.22
C SER A 409 -0.72 -5.84 -1.92
N SER A 410 -1.45 -5.35 -0.91
CA SER A 410 -1.49 -6.08 0.35
C SER A 410 -1.98 -7.52 0.17
N ASP A 411 -2.89 -7.72 -0.77
CA ASP A 411 -3.49 -9.02 -1.03
C ASP A 411 -2.43 -10.05 -1.42
N LEU A 412 -1.68 -9.77 -2.49
CA LEU A 412 -0.72 -10.76 -2.95
C LEU A 412 0.42 -10.93 -1.96
N VAL A 413 0.83 -9.84 -1.28
CA VAL A 413 1.85 -9.99 -0.24
C VAL A 413 1.35 -10.96 0.84
N TYR A 414 0.10 -10.79 1.26
CA TYR A 414 -0.51 -11.71 2.21
C TYR A 414 -0.47 -13.15 1.72
N ILE A 415 -0.91 -13.37 0.48
CA ILE A 415 -1.07 -14.75 0.01
C ILE A 415 0.27 -15.48 -0.02
N VAL A 416 1.32 -14.81 -0.50
CA VAL A 416 2.55 -15.59 -0.74
C VAL A 416 3.80 -15.05 -0.07
N ILE A 417 3.65 -14.28 1.02
CA ILE A 417 4.80 -13.95 1.85
C ILE A 417 4.55 -14.32 3.31
N PHE A 418 3.39 -13.93 3.82
CA PHE A 418 3.14 -14.06 5.26
C PHE A 418 3.23 -15.49 5.76
N PRO A 419 2.66 -16.50 5.11
CA PRO A 419 2.81 -17.87 5.65
C PRO A 419 4.26 -18.31 5.76
N GLN A 420 5.07 -17.99 4.75
CA GLN A 420 6.44 -18.48 4.76
C GLN A 420 7.32 -17.67 5.71
N LEU A 421 7.12 -16.35 5.78
CA LEU A 421 7.81 -15.56 6.79
C LEU A 421 7.40 -15.96 8.20
N LEU A 422 6.17 -16.42 8.36
CA LEU A 422 5.67 -16.86 9.66
C LEU A 422 6.23 -18.23 10.06
N CYS A 423 6.42 -19.14 9.09
CA CYS A 423 6.93 -20.45 9.44
C CYS A 423 8.46 -20.48 9.53
N VAL A 424 9.14 -19.61 8.78
CA VAL A 424 10.59 -19.60 8.82
C VAL A 424 11.11 -19.01 10.13
N LEU A 425 10.35 -18.08 10.69
CA LEU A 425 10.83 -17.20 11.76
C LEU A 425 10.21 -17.51 13.11
N PHE A 426 8.90 -17.75 13.17
CA PHE A 426 8.20 -17.73 14.44
C PHE A 426 8.57 -18.92 15.31
N VAL A 427 8.55 -20.13 14.76
CA VAL A 427 8.94 -21.27 15.59
C VAL A 427 10.07 -22.12 15.02
N LYS A 428 9.83 -22.85 13.92
CA LYS A 428 10.74 -23.90 13.51
C LYS A 428 10.15 -24.63 12.30
N GLY A 429 11.02 -25.34 11.57
CA GLY A 429 10.63 -26.45 10.73
C GLY A 429 10.87 -26.28 9.24
N THR A 430 10.82 -25.06 8.72
CA THR A 430 10.69 -24.87 7.28
C THR A 430 11.95 -25.28 6.55
N ASN A 431 11.81 -26.26 5.65
CA ASN A 431 12.85 -26.64 4.71
C ASN A 431 12.67 -25.84 3.42
N THR A 432 13.40 -26.23 2.37
CA THR A 432 13.19 -25.63 1.06
C THR A 432 12.03 -26.29 0.33
N TYR A 433 11.86 -27.60 0.48
CA TYR A 433 10.76 -28.30 -0.19
C TYR A 433 9.42 -27.69 0.20
N GLY A 434 9.20 -27.52 1.49
CA GLY A 434 7.95 -26.92 1.94
C GLY A 434 7.75 -25.52 1.39
N ALA A 435 8.83 -24.79 1.20
CA ALA A 435 8.72 -23.44 0.66
C ALA A 435 8.11 -23.46 -0.75
N VAL A 436 8.69 -24.27 -1.65
CA VAL A 436 8.18 -24.30 -3.02
C VAL A 436 6.79 -24.90 -3.05
N ALA A 437 6.53 -25.92 -2.21
CA ALA A 437 5.21 -26.54 -2.21
C ALA A 437 4.14 -25.55 -1.77
N GLY A 438 4.39 -24.81 -0.69
CA GLY A 438 3.43 -23.84 -0.23
C GLY A 438 3.27 -22.68 -1.19
N TYR A 439 4.37 -22.25 -1.81
CA TYR A 439 4.29 -21.24 -2.85
C TYR A 439 3.33 -21.66 -3.96
N VAL A 440 3.52 -22.88 -4.47
CA VAL A 440 2.67 -23.37 -5.56
C VAL A 440 1.22 -23.48 -5.09
N SER A 441 1.00 -24.04 -3.90
CA SER A 441 -0.37 -24.23 -3.42
C SER A 441 -1.09 -22.90 -3.24
N GLY A 442 -0.43 -21.93 -2.62
CA GLY A 442 -1.05 -20.63 -2.42
C GLY A 442 -1.36 -19.93 -3.72
N LEU A 443 -0.39 -19.93 -4.64
CA LEU A 443 -0.63 -19.28 -5.93
C LEU A 443 -1.76 -19.95 -6.69
N PHE A 444 -1.83 -21.28 -6.64
CA PHE A 444 -2.91 -21.99 -7.32
C PHE A 444 -4.26 -21.63 -6.72
N LEU A 445 -4.40 -21.77 -5.40
CA LEU A 445 -5.67 -21.53 -4.75
C LEU A 445 -6.10 -20.07 -4.84
N ARG A 446 -5.18 -19.16 -5.15
CA ARG A 446 -5.65 -17.82 -5.47
C ARG A 446 -5.99 -17.63 -6.94
N ILE A 447 -5.04 -17.86 -7.85
CA ILE A 447 -5.25 -17.50 -9.26
C ILE A 447 -6.44 -18.27 -9.83
N THR A 448 -6.74 -19.43 -9.24
CA THR A 448 -7.98 -20.10 -9.60
C THR A 448 -9.16 -19.64 -8.76
N GLY A 449 -8.95 -18.69 -7.84
CA GLY A 449 -10.04 -18.28 -6.96
C GLY A 449 -10.83 -17.11 -7.50
N GLY A 450 -10.18 -16.21 -8.24
CA GLY A 450 -10.88 -15.08 -8.83
C GLY A 450 -10.52 -13.74 -8.24
N GLU A 451 -10.17 -12.78 -9.10
CA GLU A 451 -9.76 -11.45 -8.66
C GLU A 451 -10.74 -10.41 -9.18
N PRO A 452 -11.71 -9.96 -8.38
CA PRO A 452 -12.77 -9.09 -8.92
C PRO A 452 -12.28 -7.70 -9.30
N TYR A 453 -11.27 -7.16 -8.63
CA TYR A 453 -10.82 -5.80 -8.93
C TYR A 453 -10.30 -5.70 -10.36
N LEU A 454 -9.54 -6.68 -10.81
CA LEU A 454 -9.16 -6.77 -12.21
C LEU A 454 -10.22 -7.57 -12.96
N TYR A 455 -10.02 -7.75 -14.27
CA TYR A 455 -10.97 -8.48 -15.10
C TYR A 455 -10.54 -9.94 -15.14
N LEU A 456 -10.66 -10.60 -13.98
CA LEU A 456 -10.26 -12.00 -13.84
C LEU A 456 -11.44 -12.78 -13.27
N GLN A 457 -12.22 -13.41 -14.14
CA GLN A 457 -13.31 -14.24 -13.68
C GLN A 457 -12.77 -15.51 -13.02
N PRO A 458 -13.35 -15.95 -11.92
CA PRO A 458 -12.82 -17.12 -11.21
C PRO A 458 -13.01 -18.41 -11.99
N LEU A 459 -12.43 -19.48 -11.45
CA LEU A 459 -12.47 -20.79 -12.10
C LEU A 459 -12.82 -21.94 -11.14
N ILE A 460 -13.21 -21.66 -9.89
CA ILE A 460 -13.60 -22.73 -8.99
C ILE A 460 -15.01 -22.49 -8.47
N PHE A 461 -15.42 -21.23 -8.37
CA PHE A 461 -16.79 -20.86 -7.99
C PHE A 461 -17.15 -21.44 -6.62
N TYR A 462 -16.45 -20.93 -5.60
CA TYR A 462 -16.73 -21.35 -4.23
C TYR A 462 -18.16 -21.02 -3.85
N PRO A 463 -18.79 -21.82 -2.98
CA PRO A 463 -20.22 -21.66 -2.70
C PRO A 463 -20.54 -20.26 -2.20
N GLY A 464 -21.68 -19.74 -2.66
CA GLY A 464 -22.11 -18.40 -2.29
C GLY A 464 -21.71 -17.31 -3.26
N TYR A 465 -21.25 -17.65 -4.46
CA TYR A 465 -20.86 -16.63 -5.42
C TYR A 465 -22.08 -15.80 -5.82
N TYR A 466 -21.87 -14.49 -5.96
CA TYR A 466 -22.91 -13.59 -6.45
C TYR A 466 -22.30 -12.72 -7.55
N PRO A 467 -22.91 -12.67 -8.73
CA PRO A 467 -22.33 -11.87 -9.82
C PRO A 467 -22.31 -10.39 -9.47
N ASP A 468 -21.32 -9.69 -10.01
CA ASP A 468 -21.19 -8.26 -9.79
C ASP A 468 -21.95 -7.49 -10.87
N ASP A 469 -22.03 -6.17 -10.69
CA ASP A 469 -22.69 -5.33 -11.68
C ASP A 469 -21.97 -5.36 -13.02
N ASN A 470 -20.64 -5.36 -12.99
CA ASN A 470 -19.86 -5.35 -14.23
C ASN A 470 -20.08 -6.63 -15.04
N GLY A 471 -20.11 -7.77 -14.38
CA GLY A 471 -20.18 -9.06 -15.06
C GLY A 471 -19.02 -9.95 -14.66
N ILE A 472 -18.43 -9.65 -13.51
CA ILE A 472 -17.25 -10.36 -13.01
C ILE A 472 -17.67 -11.06 -11.72
N TYR A 473 -17.64 -12.39 -11.73
CA TYR A 473 -18.01 -13.15 -10.54
C TYR A 473 -17.07 -12.85 -9.38
N ASN A 474 -17.64 -12.62 -8.21
CA ASN A 474 -16.88 -12.55 -6.96
C ASN A 474 -17.52 -13.46 -5.92
N GLN A 475 -16.74 -13.88 -4.94
CA GLN A 475 -17.11 -14.98 -4.07
C GLN A 475 -17.32 -14.51 -2.64
N LYS A 476 -18.34 -15.07 -1.98
CA LYS A 476 -18.61 -14.73 -0.59
C LYS A 476 -17.78 -15.60 0.35
N PHE A 477 -17.55 -16.86 -0.03
CA PHE A 477 -16.69 -17.72 0.77
C PHE A 477 -15.26 -17.19 0.76
N PRO A 478 -14.53 -17.30 1.87
CA PRO A 478 -13.16 -16.76 1.92
C PRO A 478 -12.22 -17.67 1.17
N PHE A 479 -11.44 -17.12 0.24
CA PHE A 479 -10.38 -17.90 -0.39
C PHE A 479 -8.99 -17.30 -0.23
N LYS A 480 -8.87 -16.03 0.15
CA LYS A 480 -7.55 -15.53 0.53
C LYS A 480 -7.07 -16.16 1.83
N THR A 481 -7.92 -16.16 2.86
CA THR A 481 -7.55 -16.79 4.12
C THR A 481 -7.37 -18.29 3.94
N LEU A 482 -8.22 -18.90 3.12
CA LEU A 482 -8.05 -20.32 2.82
C LEU A 482 -6.72 -20.57 2.10
N ALA A 483 -6.32 -19.65 1.22
CA ALA A 483 -5.03 -19.78 0.56
C ALA A 483 -3.89 -19.67 1.55
N MET A 484 -3.98 -18.74 2.49
CA MET A 484 -2.93 -18.60 3.50
C MET A 484 -2.81 -19.87 4.32
N VAL A 485 -3.94 -20.39 4.82
CA VAL A 485 -3.91 -21.59 5.64
C VAL A 485 -3.39 -22.78 4.85
N THR A 486 -3.83 -22.92 3.59
CA THR A 486 -3.37 -24.03 2.77
C THR A 486 -1.87 -23.95 2.52
N SER A 487 -1.37 -22.74 2.26
CA SER A 487 0.07 -22.58 2.04
C SER A 487 0.86 -22.93 3.28
N PHE A 488 0.40 -22.48 4.45
CA PHE A 488 1.12 -22.77 5.68
C PHE A 488 1.14 -24.27 5.98
N LEU A 489 -0.02 -24.93 5.87
CA LEU A 489 -0.05 -26.36 6.12
C LEU A 489 0.72 -27.14 5.08
N THR A 490 0.69 -26.70 3.81
CA THR A 490 1.49 -27.36 2.79
C THR A 490 2.98 -27.28 3.11
N ASN A 491 3.44 -26.09 3.50
CA ASN A 491 4.84 -25.92 3.88
C ASN A 491 5.21 -26.86 5.02
N ILE A 492 4.43 -26.84 6.10
CA ILE A 492 4.76 -27.65 7.27
C ILE A 492 4.74 -29.13 6.91
N CYS A 493 3.69 -29.58 6.24
CA CYS A 493 3.55 -31.01 5.93
C CYS A 493 4.65 -31.49 5.00
N ILE A 494 4.92 -30.74 3.92
CA ILE A 494 5.95 -31.18 2.98
C ILE A 494 7.32 -31.20 3.66
N SER A 495 7.63 -30.18 4.44
CA SER A 495 8.93 -30.15 5.12
C SER A 495 9.08 -31.32 6.09
N TYR A 496 8.03 -31.61 6.85
CA TYR A 496 8.15 -32.69 7.83
C TYR A 496 8.13 -34.06 7.19
N LEU A 497 7.43 -34.24 6.06
CA LEU A 497 7.59 -35.48 5.32
C LEU A 497 9.00 -35.62 4.75
N ALA A 498 9.61 -34.50 4.35
CA ALA A 498 11.01 -34.56 3.91
C ALA A 498 11.91 -35.00 5.05
N LYS A 499 11.70 -34.44 6.24
CA LYS A 499 12.40 -34.94 7.43
C LYS A 499 12.06 -36.39 7.73
N TYR A 500 10.91 -36.88 7.27
CA TYR A 500 10.62 -38.29 7.41
C TYR A 500 11.47 -39.14 6.47
N LEU A 501 11.58 -38.76 5.19
CA LEU A 501 12.15 -39.69 4.23
C LEU A 501 13.58 -39.32 3.81
N PHE A 502 14.26 -38.46 4.57
CA PHE A 502 15.67 -38.08 4.25
C PHE A 502 16.59 -39.31 4.21
N GLU A 503 16.12 -40.48 4.68
CA GLU A 503 16.89 -41.70 4.66
C GLU A 503 16.86 -42.51 3.36
N SER A 504 17.46 -43.69 3.41
CA SER A 504 17.57 -44.55 2.24
C SER A 504 16.33 -45.39 2.01
N GLY A 505 16.27 -46.06 0.87
CA GLY A 505 15.09 -46.85 0.53
C GLY A 505 14.02 -45.93 0.00
N THR A 506 13.28 -45.29 0.90
CA THR A 506 12.28 -44.32 0.46
C THR A 506 13.00 -43.14 -0.15
N LEU A 507 13.07 -43.06 -1.48
CA LEU A 507 13.70 -41.96 -2.18
C LEU A 507 15.15 -41.81 -1.71
N PRO A 508 16.05 -42.67 -2.17
CA PRO A 508 17.41 -42.73 -1.62
C PRO A 508 18.07 -41.36 -1.63
N PRO A 509 18.94 -41.08 -0.65
CA PRO A 509 19.47 -39.72 -0.46
C PRO A 509 20.33 -39.21 -1.60
N LYS A 510 20.47 -39.94 -2.70
CA LYS A 510 21.28 -39.45 -3.82
C LYS A 510 20.70 -38.15 -4.38
N LEU A 511 19.38 -38.07 -4.50
CA LEU A 511 18.73 -36.87 -5.00
C LEU A 511 18.92 -35.71 -4.03
N ASP A 512 19.72 -34.72 -4.43
CA ASP A 512 19.98 -33.57 -3.55
C ASP A 512 20.37 -32.39 -4.43
N VAL A 513 19.47 -31.43 -4.58
CA VAL A 513 19.77 -30.19 -5.29
C VAL A 513 19.81 -29.06 -4.27
N PHE A 514 18.67 -28.81 -3.64
CA PHE A 514 18.60 -27.99 -2.43
C PHE A 514 18.25 -28.90 -1.27
N ASP A 515 19.12 -28.91 -0.25
CA ASP A 515 19.18 -30.01 0.71
C ASP A 515 18.42 -29.71 1.99
N ALA A 516 17.81 -30.75 2.55
CA ALA A 516 17.28 -30.73 3.90
C ALA A 516 17.94 -31.76 4.80
N VAL A 517 18.97 -32.44 4.32
CA VAL A 517 19.68 -33.45 5.11
C VAL A 517 21.09 -32.99 5.41
C1 NAG B . -30.73 21.87 -8.96
C2 NAG B . -30.64 22.79 -10.18
C3 NAG B . -31.89 23.67 -10.31
C4 NAG B . -33.17 22.85 -10.18
C5 NAG B . -33.11 21.89 -9.00
C6 NAG B . -34.26 20.91 -8.96
C7 NAG B . -28.96 24.52 -9.39
C8 NAG B . -29.81 24.84 -8.19
N2 NAG B . -29.40 23.57 -10.25
O3 NAG B . -31.87 24.34 -11.58
O4 NAG B . -34.24 23.74 -9.91
O5 NAG B . -31.91 21.09 -9.05
O6 NAG B . -34.09 19.94 -7.94
O7 NAG B . -27.89 25.10 -9.59
C1 NAG B . -35.23 23.82 -10.97
C2 NAG B . -35.90 25.18 -10.80
C3 NAG B . -36.96 25.39 -11.88
C4 NAG B . -36.33 25.19 -13.26
C5 NAG B . -35.66 23.83 -13.34
C6 NAG B . -34.93 23.60 -14.64
C7 NAG B . -36.08 26.21 -8.57
C8 NAG B . -36.80 26.21 -7.26
N2 NAG B . -36.51 25.31 -9.47
O3 NAG B . -37.50 26.70 -11.77
O4 NAG B . -37.30 25.33 -14.30
O5 NAG B . -34.68 23.71 -12.28
O6 NAG B . -33.94 24.59 -14.87
O7 NAG B . -35.15 26.98 -8.80
C1 BMA B . -38.54 24.64 -14.03
C2 BMA B . -39.69 25.67 -14.17
C3 BMA B . -41.04 24.97 -14.08
C4 BMA B . -41.11 23.76 -15.02
C5 BMA B . -39.94 22.82 -14.72
C6 BMA B . -39.93 21.60 -15.63
O2 BMA B . -39.64 26.30 -15.45
O3 BMA B . -42.11 25.86 -14.36
O4 BMA B . -42.33 23.08 -14.86
O5 BMA B . -38.71 23.53 -14.91
O6 BMA B . -41.26 21.19 -15.86
C4 CHT C . 0.30 1.12 3.63
C5 CHT C . 0.70 0.36 2.35
C6 CHT C . 0.05 -1.86 3.33
C7 CHT C . 2.45 -1.14 3.20
C8 CHT C . 1.24 -1.78 1.15
O6 CHT C . -0.33 2.30 3.12
N1 CHT C . 1.07 -1.10 2.50
#